data_3IMM
#
_entry.id   3IMM
#
_cell.length_a   45.404
_cell.length_b   45.404
_cell.length_c   241.069
_cell.angle_alpha   90.000
_cell.angle_beta   90.000
_cell.angle_gamma   120.000
#
_symmetry.space_group_name_H-M   'P 31'
#
loop_
_entity.id
_entity.type
_entity.pdbx_description
1 polymer 'Putative secreted glycosylhydrolase'
2 non-polymer 'SODIUM ION'
3 non-polymer 'CHLORIDE ION'
4 non-polymer 2-AMINO-2-HYDROXYMETHYL-PROPANE-1,3-DIOL
5 water water
#
_entity_poly.entity_id   1
_entity_poly.type   'polypeptide(L)'
_entity_poly.pdbx_seq_one_letter_code
;GADNNKWKPLFGKNLENANYNPEVWSETDGVLGAVKDESIWTKDEYENFELDLDFKTDVGTNSGVVVYCTDTKDWIPNSV
EIQIADDHCEKWGNGKPYEKCGAIYGHLGAVQDKVVKKPGEWNH(MSE)RIKCAGQHI(MSE)VILNGKKVTE(MSE)D
(MSE)SKWTSGTKNPDGSDIPSWLPKPFAELPTKGFIGLQGKHGDSLIWFRNIKIRSL
;
_entity_poly.pdbx_strand_id   A,B,C
#
loop_
_chem_comp.id
_chem_comp.type
_chem_comp.name
_chem_comp.formula
CL non-polymer 'CHLORIDE ION' 'Cl -1'
NA non-polymer 'SODIUM ION' 'Na 1'
TRS non-polymer 2-AMINO-2-HYDROXYMETHYL-PROPANE-1,3-DIOL 'C4 H12 N O3 1'
#
# COMPACT_ATOMS: atom_id res chain seq x y z
N ASN A 5 17.72 7.36 4.00
CA ASN A 5 18.64 6.71 5.00
C ASN A 5 18.04 6.62 6.43
N LYS A 6 18.70 7.22 7.44
CA LYS A 6 18.17 7.26 8.81
C LYS A 6 17.83 8.67 9.29
N TRP A 7 16.97 8.73 10.30
CA TRP A 7 16.49 10.01 10.86
C TRP A 7 17.59 10.62 11.68
N LYS A 8 17.75 11.91 11.59
CA LYS A 8 18.56 12.64 12.57
C LYS A 8 17.81 13.89 13.03
N PRO A 9 18.06 14.31 14.28
CA PRO A 9 17.52 15.55 14.75
C PRO A 9 17.95 16.70 13.82
N LEU A 10 16.99 17.51 13.39
CA LEU A 10 17.28 18.53 12.39
C LEU A 10 18.35 19.50 12.88
N PHE A 11 18.34 19.82 14.17
CA PHE A 11 19.23 20.83 14.69
C PHE A 11 20.29 20.21 15.57
N GLY A 12 20.45 18.89 15.46
CA GLY A 12 21.33 18.14 16.33
C GLY A 12 20.86 18.18 17.76
N LYS A 13 21.76 17.87 18.69
CA LYS A 13 21.47 18.01 20.12
C LYS A 13 21.85 19.39 20.59
N ASN A 14 21.03 19.94 21.48
CA ASN A 14 21.27 21.26 22.06
C ASN A 14 21.41 22.38 21.02
N LEU A 15 20.70 22.19 19.90
CA LEU A 15 20.70 23.13 18.78
C LEU A 15 22.09 23.36 18.17
N GLU A 16 22.99 22.41 18.37
CA GLU A 16 24.39 22.52 17.90
C GLU A 16 24.50 22.73 16.40
N ASN A 17 23.52 22.22 15.65
CA ASN A 17 23.52 22.32 14.18
C ASN A 17 22.57 23.37 13.63
N ALA A 18 22.21 24.36 14.47
CA ALA A 18 21.35 25.45 14.06
C ALA A 18 22.01 26.82 14.16
N ASN A 19 21.61 27.73 13.26
N ASN A 19 21.49 27.73 13.34
CA ASN A 19 21.96 29.14 13.41
CA ASN A 19 21.85 29.12 13.32
C ASN A 19 20.73 29.82 14.01
C ASN A 19 20.69 29.87 13.98
N TYR A 20 20.96 30.42 15.15
CA TYR A 20 19.93 31.10 15.93
C TYR A 20 20.55 31.96 17.03
N ASN A 21 19.75 32.86 17.54
CA ASN A 21 20.04 33.62 18.71
C ASN A 21 19.51 32.89 19.96
N PRO A 22 20.38 32.51 20.91
CA PRO A 22 19.87 31.80 22.09
C PRO A 22 18.97 32.62 23.03
N GLU A 23 18.89 33.93 22.84
CA GLU A 23 17.90 34.73 23.57
C GLU A 23 16.53 34.68 22.90
N VAL A 24 16.44 34.09 21.71
CA VAL A 24 15.17 33.95 21.03
C VAL A 24 14.71 32.49 21.16
N TRP A 25 15.60 31.56 20.80
CA TRP A 25 15.21 30.17 20.64
C TRP A 25 15.84 29.33 21.69
N SER A 26 15.04 28.46 22.28
CA SER A 26 15.54 27.55 23.32
C SER A 26 14.67 26.30 23.45
N GLU A 27 15.29 25.23 23.88
CA GLU A 27 14.60 24.01 24.25
C GLU A 27 14.32 23.93 25.77
N THR A 28 13.05 23.68 26.12
CA THR A 28 12.60 23.53 27.50
C THR A 28 11.92 22.17 27.59
N ASP A 29 12.49 21.28 28.42
CA ASP A 29 11.91 19.95 28.59
C ASP A 29 11.75 19.21 27.26
N GLY A 30 12.71 19.40 26.36
CA GLY A 30 12.69 18.72 25.07
C GLY A 30 11.80 19.36 24.01
N VAL A 31 11.29 20.55 24.29
CA VAL A 31 10.29 21.22 23.43
C VAL A 31 10.89 22.57 23.04
N LEU A 32 10.99 22.82 21.73
CA LEU A 32 11.59 23.99 21.17
C LEU A 32 10.56 25.12 21.08
N GLY A 33 10.93 26.32 21.50
CA GLY A 33 10.07 27.49 21.30
C GLY A 33 10.89 28.75 21.23
N ALA A 34 10.21 29.84 20.89
CA ALA A 34 10.81 31.13 20.63
C ALA A 34 10.09 32.18 21.47
N VAL A 35 10.83 33.15 21.97
CA VAL A 35 10.26 34.24 22.71
C VAL A 35 10.34 35.55 21.94
N LYS A 36 10.99 35.53 20.79
CA LYS A 36 11.03 36.71 19.91
C LYS A 36 10.84 36.28 18.46
N ASP A 37 10.86 37.27 17.57
CA ASP A 37 10.35 37.09 16.19
C ASP A 37 11.32 36.44 15.21
N GLU A 38 12.62 36.47 15.49
CA GLU A 38 13.62 35.93 14.58
C GLU A 38 13.51 34.41 14.40
N SER A 39 13.87 33.95 13.20
CA SER A 39 13.82 32.56 12.81
C SER A 39 14.99 31.72 13.33
N ILE A 40 14.87 30.41 13.22
CA ILE A 40 15.97 29.47 13.52
C ILE A 40 16.23 28.67 12.24
N TRP A 41 17.50 28.47 11.88
CA TRP A 41 17.83 27.84 10.62
C TRP A 41 18.76 26.71 10.82
N THR A 42 18.70 25.77 9.88
CA THR A 42 19.74 24.78 9.76
C THR A 42 21.03 25.49 9.33
N LYS A 43 22.17 24.93 9.72
CA LYS A 43 23.45 25.45 9.28
C LYS A 43 23.78 24.94 7.87
N ASP A 44 23.12 23.85 7.48
CA ASP A 44 23.34 23.16 6.21
C ASP A 44 22.10 23.21 5.29
N GLU A 45 22.31 23.01 4.00
CA GLU A 45 21.23 22.97 3.01
C GLU A 45 20.79 21.54 2.76
N TYR A 46 19.51 21.41 2.45
CA TYR A 46 18.87 20.13 2.24
C TYR A 46 18.03 20.15 0.95
N GLU A 47 18.04 19.03 0.27
CA GLU A 47 17.11 18.73 -0.82
C GLU A 47 16.78 17.25 -0.74
N ASN A 48 15.66 16.86 -1.34
CA ASN A 48 15.31 15.42 -1.45
C ASN A 48 15.28 14.75 -0.09
N PHE A 49 14.40 15.28 0.74
CA PHE A 49 14.30 14.92 2.12
C PHE A 49 12.85 14.83 2.57
N GLU A 50 12.65 14.18 3.72
CA GLU A 50 11.43 14.28 4.47
C GLU A 50 11.72 14.78 5.87
N LEU A 51 10.93 15.78 6.26
CA LEU A 51 11.05 16.46 7.53
C LEU A 51 9.83 16.07 8.35
N ASP A 52 10.07 15.59 9.56
CA ASP A 52 9.03 15.29 10.55
C ASP A 52 9.17 16.25 11.71
N LEU A 53 8.01 16.64 12.25
CA LEU A 53 7.99 17.47 13.44
C LEU A 53 6.65 17.36 14.13
N ASP A 54 6.66 17.49 15.45
CA ASP A 54 5.46 17.61 16.23
C ASP A 54 5.32 19.09 16.46
N PHE A 55 4.08 19.58 16.53
CA PHE A 55 3.83 20.91 17.00
C PHE A 55 2.52 20.98 17.80
N LYS A 56 2.46 21.96 18.71
CA LYS A 56 1.25 22.27 19.51
C LYS A 56 0.90 23.73 19.31
N THR A 57 -0.36 24.01 19.10
CA THR A 57 -0.80 25.37 18.92
C THR A 57 -1.37 25.97 20.17
N ASP A 58 -1.41 27.30 20.14
CA ASP A 58 -2.18 28.16 20.99
C ASP A 58 -3.41 28.66 20.18
N VAL A 59 -4.35 29.30 20.85
CA VAL A 59 -5.48 29.89 20.18
C VAL A 59 -4.89 30.94 19.24
N GLY A 60 -5.18 30.82 17.95
CA GLY A 60 -4.82 31.81 16.95
C GLY A 60 -3.41 31.74 16.42
N THR A 61 -2.68 30.67 16.77
CA THR A 61 -1.35 30.42 16.20
C THR A 61 -1.28 30.58 14.68
N ASN A 62 -0.28 31.33 14.20
CA ASN A 62 0.01 31.44 12.78
C ASN A 62 1.53 31.41 12.62
N SER A 63 2.04 30.32 12.09
CA SER A 63 3.50 30.09 12.03
C SER A 63 3.79 29.29 10.75
N GLY A 64 4.95 28.68 10.62
CA GLY A 64 5.26 27.98 9.37
C GLY A 64 6.64 27.37 9.37
N VAL A 65 6.79 26.32 8.58
CA VAL A 65 8.07 25.67 8.38
C VAL A 65 8.57 26.19 7.03
N VAL A 66 9.82 26.62 7.00
CA VAL A 66 10.40 27.17 5.78
C VAL A 66 11.37 26.16 5.20
N VAL A 67 11.25 25.87 3.91
CA VAL A 67 12.16 24.93 3.22
C VAL A 67 12.72 25.65 2.00
N TYR A 68 13.79 25.09 1.45
CA TYR A 68 14.34 25.57 0.20
C TYR A 68 14.74 27.04 0.30
N CYS A 69 15.24 27.45 1.45
CA CYS A 69 15.62 28.83 1.66
C CYS A 69 17.03 29.09 1.15
N THR A 70 17.15 30.00 0.18
CA THR A 70 18.43 30.25 -0.46
C THR A 70 19.07 31.54 0.09
N ASP A 71 18.39 32.19 1.05
CA ASP A 71 18.91 33.36 1.71
C ASP A 71 18.22 33.49 3.04
N THR A 72 18.92 33.21 4.14
CA THR A 72 18.28 33.24 5.47
C THR A 72 18.05 34.70 6.01
N LYS A 73 18.73 35.69 5.42
CA LYS A 73 18.46 37.10 5.77
C LYS A 73 17.21 37.60 5.02
N ASP A 74 17.21 37.49 3.70
CA ASP A 74 16.05 37.84 2.86
C ASP A 74 15.25 36.60 2.45
N TRP A 75 14.70 35.92 3.46
CA TRP A 75 14.16 34.58 3.27
C TRP A 75 12.76 34.56 2.71
N ILE A 76 11.98 35.60 2.99
CA ILE A 76 10.55 35.58 2.75
C ILE A 76 10.25 35.31 1.26
N PRO A 77 10.88 36.07 0.33
CA PRO A 77 10.69 35.79 -1.08
C PRO A 77 11.56 34.67 -1.64
N ASN A 78 12.51 34.14 -0.89
CA ASN A 78 13.44 33.15 -1.43
C ASN A 78 13.27 31.84 -0.72
N SER A 79 12.03 31.37 -0.61
CA SER A 79 11.75 30.16 0.14
C SER A 79 10.33 29.66 -0.10
N VAL A 80 10.05 28.46 0.41
CA VAL A 80 8.69 27.94 0.44
C VAL A 80 8.27 27.75 1.90
N GLU A 81 7.04 28.17 2.22
CA GLU A 81 6.52 28.07 3.58
C GLU A 81 5.29 27.17 3.65
N ILE A 82 5.43 26.17 4.51
CA ILE A 82 4.35 25.29 4.89
C ILE A 82 3.68 25.93 6.10
N GLN A 83 2.45 26.37 5.90
CA GLN A 83 1.69 27.03 6.94
C GLN A 83 1.39 26.13 8.14
N ILE A 84 1.54 26.69 9.34
CA ILE A 84 1.05 26.07 10.56
C ILE A 84 0.12 27.07 11.19
N ALA A 85 -1.11 26.66 11.46
CA ALA A 85 -2.11 27.58 11.93
C ALA A 85 -3.15 26.87 12.76
N ASP A 86 -3.68 27.61 13.71
CA ASP A 86 -4.89 27.20 14.43
C ASP A 86 -6.14 27.41 13.61
N ASP A 87 -6.52 26.40 12.82
CA ASP A 87 -7.71 26.48 11.99
C ASP A 87 -9.02 26.67 12.80
N HIS A 88 -8.99 26.46 14.10
CA HIS A 88 -10.21 26.52 14.89
C HIS A 88 -10.49 27.93 15.37
N CYS A 89 -9.58 28.86 15.12
CA CYS A 89 -9.82 30.27 15.40
C CYS A 89 -10.21 30.91 14.10
N GLU A 90 -11.35 31.55 14.03
CA GLU A 90 -11.80 32.19 12.78
C GLU A 90 -11.76 33.71 12.91
N LYS A 91 -10.56 34.31 12.90
CA LYS A 91 -10.41 35.75 13.22
C LYS A 91 -10.63 36.71 12.06
N TRP A 92 -10.18 36.28 10.89
CA TRP A 92 -10.14 37.10 9.69
C TRP A 92 -11.26 36.63 8.80
N GLY A 93 -12.36 36.27 9.46
CA GLY A 93 -13.47 35.56 8.80
C GLY A 93 -13.15 34.14 8.36
N ASN A 94 -13.78 33.76 7.25
CA ASN A 94 -13.60 32.45 6.67
C ASN A 94 -12.13 32.14 6.40
N GLY A 95 -11.33 33.19 6.16
CA GLY A 95 -9.92 33.01 5.86
C GLY A 95 -9.71 32.49 4.45
N LYS A 96 -8.46 32.41 4.04
CA LYS A 96 -8.11 31.96 2.68
C LYS A 96 -7.61 30.52 2.81
N PRO A 97 -7.90 29.66 1.83
CA PRO A 97 -7.38 28.28 1.91
C PRO A 97 -5.88 28.16 2.15
N TYR A 98 -5.07 29.07 1.59
CA TYR A 98 -3.60 28.98 1.76
C TYR A 98 -3.11 29.47 3.13
N GLU A 99 -4.04 29.90 3.98
CA GLU A 99 -3.75 30.28 5.36
C GLU A 99 -4.05 29.15 6.35
N LYS A 100 -4.58 28.04 5.87
CA LYS A 100 -4.92 26.91 6.71
C LYS A 100 -3.73 26.04 7.03
N CYS A 101 -3.86 25.24 8.08
CA CYS A 101 -2.72 24.42 8.55
C CYS A 101 -2.38 23.37 7.51
N GLY A 102 -1.09 23.31 7.13
CA GLY A 102 -0.59 22.38 6.13
C GLY A 102 -0.71 22.92 4.71
N ALA A 103 -1.22 24.13 4.54
CA ALA A 103 -1.16 24.77 3.25
C ALA A 103 0.27 25.18 2.90
N ILE A 104 0.48 25.44 1.61
CA ILE A 104 1.68 26.16 1.15
C ILE A 104 1.29 27.62 1.14
N TYR A 105 1.82 28.35 2.12
CA TYR A 105 1.34 29.67 2.44
C TYR A 105 1.40 30.54 1.22
N GLY A 106 0.31 31.23 0.97
CA GLY A 106 0.21 32.14 -0.18
C GLY A 106 0.06 31.53 -1.56
N HIS A 107 0.05 30.19 -1.62
CA HIS A 107 0.18 29.46 -2.89
C HIS A 107 -0.82 28.32 -3.14
N LEU A 108 -1.13 27.55 -2.11
CA LEU A 108 -1.95 26.36 -2.26
C LEU A 108 -2.63 25.97 -0.95
N GLY A 109 -3.95 25.82 -1.01
CA GLY A 109 -4.73 25.41 0.14
C GLY A 109 -4.56 23.94 0.48
N ALA A 110 -4.97 23.59 1.71
CA ALA A 110 -5.05 22.19 2.13
C ALA A 110 -6.38 21.65 1.60
N VAL A 111 -6.48 20.32 1.41
CA VAL A 111 -7.71 19.75 0.86
C VAL A 111 -8.81 19.69 1.93
N GLN A 112 -8.44 19.53 3.20
CA GLN A 112 -9.43 19.68 4.29
C GLN A 112 -8.81 20.58 5.31
N ASP A 113 -9.64 21.33 6.04
CA ASP A 113 -9.10 22.07 7.19
C ASP A 113 -9.65 21.42 8.45
N LYS A 114 -9.18 21.97 9.56
CA LYS A 114 -9.42 21.44 10.88
C LYS A 114 -9.01 19.96 10.95
N VAL A 115 -7.99 19.60 10.19
CA VAL A 115 -7.19 18.41 10.48
C VAL A 115 -6.26 18.68 11.70
N VAL A 116 -5.84 19.92 11.86
CA VAL A 116 -5.04 20.31 13.00
C VAL A 116 -5.93 20.15 14.22
N LYS A 117 -5.34 19.72 15.32
CA LYS A 117 -6.08 19.56 16.56
C LYS A 117 -6.26 20.92 17.21
N LYS A 118 -7.04 20.94 18.28
CA LYS A 118 -7.35 22.19 18.98
C LYS A 118 -6.14 22.66 19.80
N PRO A 119 -6.07 23.96 20.13
CA PRO A 119 -4.99 24.50 20.90
C PRO A 119 -4.65 23.58 22.04
N GLY A 120 -3.35 23.37 22.28
CA GLY A 120 -2.89 22.55 23.43
C GLY A 120 -2.82 21.04 23.22
N GLU A 121 -3.22 20.57 22.03
CA GLU A 121 -3.11 19.15 21.67
C GLU A 121 -1.95 19.00 20.75
N TRP A 122 -1.17 17.92 20.88
CA TRP A 122 0.01 17.74 20.03
C TRP A 122 -0.37 17.26 18.65
N ASN A 123 0.28 17.86 17.66
CA ASN A 123 0.13 17.47 16.26
C ASN A 123 1.40 16.87 15.71
N HIS A 124 1.26 16.16 14.59
CA HIS A 124 2.41 15.65 13.87
C HIS A 124 2.29 16.01 12.41
N MSE A 125 3.40 16.42 11.80
CA MSE A 125 3.45 16.81 10.41
C MSE A 125 4.71 16.22 9.79
O MSE A 125 5.78 16.28 10.36
CB MSE A 125 3.43 18.32 10.25
CG MSE A 125 3.69 18.81 8.84
SE MSE A 125 3.66 20.77 8.75
CE MSE A 125 1.78 20.90 8.79
N ARG A 126 4.53 15.64 8.61
CA ARG A 126 5.62 15.18 7.75
C ARG A 126 5.58 15.96 6.41
N ILE A 127 6.72 16.50 6.03
CA ILE A 127 6.84 17.28 4.78
C ILE A 127 7.85 16.55 3.93
N LYS A 128 7.42 16.07 2.77
CA LYS A 128 8.28 15.38 1.83
C LYS A 128 8.62 16.35 0.71
N CYS A 129 9.92 16.62 0.58
CA CYS A 129 10.40 17.62 -0.36
C CYS A 129 11.28 16.96 -1.42
N ALA A 130 10.65 16.64 -2.54
CA ALA A 130 11.29 15.89 -3.60
C ALA A 130 11.40 16.77 -4.83
N GLY A 131 12.47 17.57 -4.88
CA GLY A 131 12.57 18.62 -5.89
C GLY A 131 11.32 19.49 -5.92
N GLN A 132 10.71 19.62 -7.09
CA GLN A 132 9.50 20.47 -7.26
C GLN A 132 8.22 19.92 -6.63
N HIS A 133 8.27 18.68 -6.13
CA HIS A 133 7.12 18.05 -5.46
C HIS A 133 7.24 18.10 -3.94
N ILE A 134 6.30 18.81 -3.32
CA ILE A 134 6.17 18.93 -1.84
C ILE A 134 4.84 18.30 -1.44
N MSE A 135 4.88 17.41 -0.47
N MSE A 135 4.87 17.46 -0.43
CA MSE A 135 3.68 16.82 0.12
CA MSE A 135 3.69 16.80 0.11
C MSE A 135 3.64 17.15 1.60
C MSE A 135 3.62 17.08 1.62
O MSE A 135 4.68 17.14 2.27
O MSE A 135 4.64 16.94 2.32
CB MSE A 135 3.69 15.30 -0.08
CB MSE A 135 3.79 15.30 -0.15
CG MSE A 135 2.69 14.56 0.77
CG MSE A 135 2.51 14.56 0.02
SE MSE A 135 2.74 12.63 0.47
SE MSE A 135 2.78 12.62 -0.09
CE MSE A 135 2.17 12.57 -1.42
CE MSE A 135 3.98 12.61 -1.63
N VAL A 136 2.45 17.46 2.11
CA VAL A 136 2.29 17.67 3.53
C VAL A 136 1.31 16.63 4.07
N ILE A 137 1.76 15.93 5.11
CA ILE A 137 0.95 14.97 5.77
C ILE A 137 0.78 15.50 7.17
N LEU A 138 -0.46 15.74 7.59
CA LEU A 138 -0.76 16.35 8.90
C LEU A 138 -1.65 15.37 9.69
N ASN A 139 -1.21 14.95 10.88
CA ASN A 139 -1.96 14.01 11.68
C ASN A 139 -2.40 12.76 10.89
N GLY A 140 -1.50 12.28 10.05
CA GLY A 140 -1.72 11.11 9.25
C GLY A 140 -2.57 11.31 8.02
N LYS A 141 -2.92 12.55 7.69
CA LYS A 141 -3.75 12.86 6.50
C LYS A 141 -2.95 13.59 5.47
N LYS A 142 -2.96 13.09 4.23
CA LYS A 142 -2.35 13.80 3.13
C LYS A 142 -3.19 15.03 2.81
N VAL A 143 -2.73 16.19 3.23
CA VAL A 143 -3.48 17.42 3.08
C VAL A 143 -3.08 18.29 1.88
N THR A 144 -1.84 18.19 1.43
CA THR A 144 -1.33 19.15 0.45
C THR A 144 -0.31 18.47 -0.41
N GLU A 145 -0.42 18.70 -1.71
CA GLU A 145 0.51 18.16 -2.72
C GLU A 145 0.72 19.21 -3.77
N MSE A 146 1.91 19.79 -3.78
CA MSE A 146 2.25 20.84 -4.69
C MSE A 146 3.23 20.32 -5.70
O MSE A 146 4.26 19.75 -5.34
CB MSE A 146 2.95 21.98 -3.94
CG MSE A 146 3.52 23.02 -4.90
SE MSE A 146 4.03 24.68 -4.01
CE MSE A 146 2.43 25.61 -4.04
N ASP A 147 2.95 20.58 -6.97
CA ASP A 147 4.01 20.56 -8.03
C ASP A 147 4.35 21.99 -8.42
N MSE A 148 5.48 22.48 -7.94
CA MSE A 148 5.96 23.85 -8.13
C MSE A 148 6.07 24.29 -9.58
O MSE A 148 6.05 25.49 -9.85
CB MSE A 148 7.31 24.06 -7.41
CG MSE A 148 7.24 23.83 -5.94
SE MSE A 148 8.92 23.83 -5.07
CE MSE A 148 9.40 25.70 -5.26
N SER A 149 6.16 23.34 -10.50
CA SER A 149 6.29 23.66 -11.93
C SER A 149 5.03 24.31 -12.47
N LYS A 150 3.88 24.12 -11.79
CA LYS A 150 2.63 24.77 -12.19
C LYS A 150 2.61 26.24 -11.84
N TRP A 151 3.48 26.67 -10.92
CA TRP A 151 3.46 28.06 -10.44
C TRP A 151 4.35 28.92 -11.33
N THR A 152 3.88 29.14 -12.56
CA THR A 152 4.57 29.92 -13.56
C THR A 152 4.41 31.41 -13.28
N SER A 153 3.35 31.78 -12.55
CA SER A 153 3.14 33.16 -12.12
C SER A 153 3.55 33.37 -10.67
N GLY A 154 4.22 34.50 -10.43
CA GLY A 154 4.41 35.06 -9.11
C GLY A 154 3.27 35.93 -8.57
N THR A 155 2.21 36.12 -9.34
CA THR A 155 1.11 36.98 -8.90
C THR A 155 -0.24 36.21 -8.76
N LYS A 156 -0.41 35.12 -9.51
CA LYS A 156 -1.66 34.39 -9.48
C LYS A 156 -1.43 32.90 -9.33
N ASN A 157 -2.20 32.28 -8.44
CA ASN A 157 -2.05 30.85 -8.14
C ASN A 157 -2.85 30.02 -9.11
N PRO A 158 -2.43 28.77 -9.33
CA PRO A 158 -3.24 27.88 -10.15
C PRO A 158 -4.70 27.77 -9.73
N ASP A 159 -4.99 27.93 -8.45
CA ASP A 159 -6.38 27.96 -7.97
C ASP A 159 -7.11 29.31 -8.16
N GLY A 160 -6.43 30.29 -8.74
CA GLY A 160 -7.06 31.58 -9.11
C GLY A 160 -6.90 32.72 -8.12
N SER A 161 -6.42 32.40 -6.91
CA SER A 161 -6.21 33.38 -5.87
C SER A 161 -4.94 34.20 -6.13
N ASP A 162 -4.93 35.42 -5.65
CA ASP A 162 -3.74 36.27 -5.87
C ASP A 162 -2.68 35.91 -4.84
N ILE A 163 -1.42 35.86 -5.30
CA ILE A 163 -0.26 35.65 -4.42
C ILE A 163 0.07 36.98 -3.74
N PRO A 164 0.29 36.96 -2.42
CA PRO A 164 0.63 38.22 -1.73
C PRO A 164 1.77 38.94 -2.41
N SER A 165 1.69 40.26 -2.45
CA SER A 165 2.67 41.06 -3.15
C SER A 165 4.11 40.78 -2.67
N TRP A 166 4.28 40.41 -1.41
CA TRP A 166 5.61 40.13 -0.85
C TRP A 166 6.22 38.78 -1.24
N LEU A 167 5.51 37.99 -2.06
CA LEU A 167 6.00 36.69 -2.55
C LEU A 167 6.04 36.66 -4.08
N PRO A 168 6.85 37.55 -4.71
CA PRO A 168 6.73 37.72 -6.14
C PRO A 168 7.42 36.67 -7.02
N LYS A 169 8.28 35.85 -6.47
CA LYS A 169 9.11 34.98 -7.30
C LYS A 169 8.34 33.73 -7.67
N PRO A 170 8.16 33.48 -9.00
CA PRO A 170 7.38 32.31 -9.44
C PRO A 170 7.97 31.02 -8.86
N PHE A 171 7.14 30.21 -8.22
CA PHE A 171 7.63 28.96 -7.63
C PHE A 171 8.17 27.97 -8.65
N ALA A 172 7.72 28.05 -9.91
CA ALA A 172 8.27 27.24 -10.98
C ALA A 172 9.75 27.45 -11.24
N GLU A 173 10.29 28.59 -10.82
N GLU A 173 10.26 28.61 -10.82
CA GLU A 173 11.70 28.89 -11.07
CA GLU A 173 11.66 29.04 -11.02
C GLU A 173 12.49 28.95 -9.76
C GLU A 173 12.51 28.85 -9.77
N LEU A 174 11.84 28.61 -8.65
CA LEU A 174 12.50 28.54 -7.35
C LEU A 174 13.41 27.29 -7.30
N PRO A 175 14.66 27.46 -6.81
CA PRO A 175 15.49 26.32 -6.45
C PRO A 175 14.83 25.40 -5.41
N THR A 176 15.18 24.11 -5.48
CA THR A 176 14.58 23.08 -4.65
C THR A 176 15.63 22.48 -3.70
N LYS A 177 16.48 23.39 -3.22
CA LYS A 177 17.52 23.11 -2.25
C LYS A 177 17.74 24.39 -1.43
N GLY A 178 17.89 24.25 -0.13
CA GLY A 178 18.30 25.38 0.72
C GLY A 178 18.13 25.06 2.19
N PHE A 179 18.19 26.11 3.00
CA PHE A 179 18.13 25.94 4.44
C PHE A 179 16.67 25.66 4.84
N ILE A 180 16.53 25.01 6.01
CA ILE A 180 15.29 24.78 6.66
C ILE A 180 15.21 25.66 7.92
N GLY A 181 14.06 26.28 8.12
CA GLY A 181 13.86 27.06 9.33
C GLY A 181 12.45 27.01 9.90
N LEU A 182 12.35 27.49 11.14
CA LEU A 182 11.09 27.73 11.81
C LEU A 182 11.01 29.21 12.14
N GLN A 183 9.80 29.73 12.10
N GLN A 183 9.81 29.75 12.20
CA GLN A 183 9.57 31.13 12.36
CA GLN A 183 9.63 31.20 12.27
C GLN A 183 9.32 31.38 13.84
C GLN A 183 9.89 31.91 13.61
N GLY A 184 9.69 32.59 14.26
N GLY A 184 9.17 31.62 14.68
CA GLY A 184 9.66 33.02 15.65
CA GLY A 184 9.39 32.47 15.87
C GLY A 184 8.30 33.52 16.06
C GLY A 184 8.24 33.43 16.10
N LYS A 185 8.23 34.06 17.27
CA LYS A 185 7.00 34.60 17.84
C LYS A 185 6.74 36.03 17.44
N HIS A 186 5.58 36.30 16.82
CA HIS A 186 5.28 37.63 16.34
C HIS A 186 4.21 38.36 17.19
N GLY A 187 3.48 37.63 18.01
CA GLY A 187 2.44 38.21 18.87
C GLY A 187 2.17 37.32 20.06
N ASP A 188 0.94 37.31 20.52
CA ASP A 188 0.60 36.64 21.77
C ASP A 188 0.37 35.14 21.68
N SER A 189 0.12 34.61 20.47
CA SER A 189 -0.10 33.17 20.30
C SER A 189 1.25 32.46 20.24
N LEU A 190 1.43 31.47 21.11
CA LEU A 190 2.66 30.71 21.10
C LEU A 190 2.53 29.52 20.17
N ILE A 191 3.66 28.91 19.89
CA ILE A 191 3.76 27.65 19.18
C ILE A 191 4.93 26.88 19.80
N TRP A 192 4.78 25.56 19.93
CA TRP A 192 5.79 24.68 20.47
C TRP A 192 6.13 23.59 19.48
N PHE A 193 7.43 23.28 19.36
CA PHE A 193 7.88 22.20 18.51
C PHE A 193 8.63 21.10 19.25
N ARG A 194 8.58 19.90 18.70
CA ARG A 194 9.39 18.81 19.23
C ARG A 194 9.57 17.68 18.24
N ASN A 195 10.53 16.82 18.55
CA ASN A 195 10.87 15.72 17.67
C ASN A 195 11.07 16.18 16.21
N ILE A 196 11.82 17.25 16.02
CA ILE A 196 12.11 17.77 14.68
C ILE A 196 13.29 16.98 14.12
N LYS A 197 13.00 16.22 13.07
CA LYS A 197 13.97 15.30 12.48
C LYS A 197 13.83 15.21 10.97
N ILE A 198 14.88 14.72 10.35
CA ILE A 198 14.97 14.74 8.90
C ILE A 198 15.69 13.45 8.44
N ARG A 199 15.30 12.96 7.27
CA ARG A 199 16.12 11.98 6.57
C ARG A 199 15.97 12.12 5.08
N SER A 200 16.91 11.56 4.32
CA SER A 200 16.88 11.68 2.88
C SER A 200 15.83 10.75 2.29
N LEU A 201 15.28 11.15 1.14
CA LEU A 201 14.39 10.29 0.39
C LEU A 201 15.25 9.29 -0.42
N ASN B 5 -23.21 -11.86 -14.31
CA ASN B 5 -24.08 -11.13 -15.29
C ASN B 5 -23.30 -10.67 -16.53
N LYS B 6 -23.90 -9.77 -17.32
CA LYS B 6 -23.17 -9.10 -18.38
C LYS B 6 -22.54 -7.81 -17.86
N TRP B 7 -21.64 -7.29 -18.65
CA TRP B 7 -20.99 -6.04 -18.38
C TRP B 7 -21.98 -4.88 -18.45
N LYS B 8 -21.87 -3.92 -17.53
CA LYS B 8 -22.51 -2.64 -17.69
C LYS B 8 -21.45 -1.54 -17.67
N PRO B 9 -21.73 -0.40 -18.32
CA PRO B 9 -20.84 0.76 -18.16
C PRO B 9 -20.80 1.20 -16.69
N LEU B 10 -19.61 1.35 -16.12
CA LEU B 10 -19.51 1.65 -14.71
C LEU B 10 -20.32 2.89 -14.29
N PHE B 11 -20.29 3.95 -15.11
CA PHE B 11 -20.89 5.22 -14.73
C PHE B 11 -22.17 5.51 -15.52
N GLY B 12 -22.72 4.49 -16.16
CA GLY B 12 -23.88 4.66 -16.98
C GLY B 12 -23.58 5.38 -18.29
N LYS B 13 -24.63 5.81 -18.96
CA LYS B 13 -24.49 6.58 -20.18
C LYS B 13 -24.16 8.03 -19.80
N ASN B 14 -23.07 8.54 -20.36
CA ASN B 14 -22.69 9.92 -20.13
C ASN B 14 -22.70 10.30 -18.64
N LEU B 15 -22.15 9.41 -17.81
CA LEU B 15 -21.81 9.67 -16.41
C LEU B 15 -23.03 9.81 -15.50
N GLU B 16 -24.18 9.33 -15.97
CA GLU B 16 -25.46 9.47 -15.25
C GLU B 16 -25.46 8.78 -13.89
N ASN B 17 -24.73 7.68 -13.75
CA ASN B 17 -24.61 6.97 -12.46
C ASN B 17 -23.33 7.27 -11.66
N ALA B 18 -22.75 8.46 -11.91
CA ALA B 18 -21.53 8.87 -11.26
C ALA B 18 -21.76 10.18 -10.53
N ASN B 19 -21.03 10.33 -9.44
CA ASN B 19 -20.93 11.61 -8.74
C ASN B 19 -19.58 12.24 -9.08
N TYR B 20 -19.62 13.47 -9.57
CA TYR B 20 -18.43 14.16 -10.03
C TYR B 20 -18.70 15.66 -10.12
N ASN B 21 -17.61 16.42 -10.11
CA ASN B 21 -17.61 17.85 -10.31
C ASN B 21 -17.60 18.09 -11.81
N PRO B 22 -18.69 18.65 -12.35
CA PRO B 22 -18.72 18.89 -13.80
C PRO B 22 -17.71 19.93 -14.30
N GLU B 23 -17.10 20.71 -13.41
CA GLU B 23 -15.97 21.57 -13.78
C GLU B 23 -14.72 20.78 -14.08
N VAL B 24 -14.69 19.55 -13.59
CA VAL B 24 -13.49 18.75 -13.59
C VAL B 24 -13.56 17.67 -14.65
N TRP B 25 -14.58 16.82 -14.56
CA TRP B 25 -14.70 15.64 -15.43
C TRP B 25 -15.61 15.83 -16.65
N SER B 26 -15.22 15.21 -17.75
CA SER B 26 -16.02 15.15 -18.96
C SER B 26 -15.79 13.81 -19.69
N GLU B 27 -16.84 13.31 -20.33
CA GLU B 27 -16.80 12.13 -21.16
C GLU B 27 -17.21 12.59 -22.55
N THR B 28 -16.31 12.49 -23.52
CA THR B 28 -16.53 13.08 -24.82
C THR B 28 -16.05 12.10 -25.84
N ASP B 29 -16.95 11.66 -26.72
CA ASP B 29 -16.59 10.67 -27.73
C ASP B 29 -16.05 9.41 -27.01
N GLY B 30 -16.65 9.13 -25.86
CA GLY B 30 -16.42 7.92 -25.10
C GLY B 30 -15.27 8.01 -24.08
N VAL B 31 -14.50 9.10 -24.15
CA VAL B 31 -13.28 9.26 -23.37
C VAL B 31 -13.55 10.16 -22.18
N LEU B 32 -13.29 9.61 -20.98
CA LEU B 32 -13.45 10.29 -19.72
C LEU B 32 -12.08 10.84 -19.26
N GLY B 33 -12.07 12.10 -18.90
CA GLY B 33 -10.88 12.76 -18.37
C GLY B 33 -11.21 13.90 -17.41
N ALA B 34 -10.24 14.21 -16.55
CA ALA B 34 -10.32 15.21 -15.50
C ALA B 34 -9.24 16.28 -15.77
N VAL B 35 -9.56 17.52 -15.47
CA VAL B 35 -8.60 18.66 -15.58
C VAL B 35 -8.10 19.16 -14.22
N LYS B 36 -8.47 18.44 -13.16
CA LYS B 36 -8.16 18.84 -11.80
C LYS B 36 -8.09 17.59 -10.91
N ASP B 37 -7.45 17.72 -9.76
CA ASP B 37 -7.28 16.57 -8.85
C ASP B 37 -8.54 16.35 -7.99
N GLU B 38 -9.65 15.96 -8.60
CA GLU B 38 -10.86 15.58 -7.85
C GLU B 38 -11.35 14.31 -8.46
N SER B 39 -11.87 13.41 -7.64
CA SER B 39 -12.17 12.07 -8.06
C SER B 39 -13.59 11.99 -8.61
N ILE B 40 -13.86 10.94 -9.39
CA ILE B 40 -15.19 10.64 -9.88
C ILE B 40 -15.57 9.33 -9.19
N TRP B 41 -16.81 9.24 -8.70
CA TRP B 41 -17.29 8.09 -7.93
C TRP B 41 -18.61 7.49 -8.43
N THR B 42 -18.70 6.17 -8.36
CA THR B 42 -19.96 5.51 -8.54
C THR B 42 -20.95 5.98 -7.49
N LYS B 43 -22.21 6.01 -7.86
CA LYS B 43 -23.29 6.34 -6.94
C LYS B 43 -23.61 5.18 -6.02
N ASP B 44 -23.35 3.96 -6.51
CA ASP B 44 -23.60 2.72 -5.80
C ASP B 44 -22.33 2.02 -5.33
N GLU B 45 -22.49 1.14 -4.35
CA GLU B 45 -21.41 0.33 -3.81
C GLU B 45 -21.38 -1.07 -4.43
N TYR B 46 -20.18 -1.64 -4.53
CA TYR B 46 -19.99 -2.89 -5.22
C TYR B 46 -19.08 -3.75 -4.40
N GLU B 47 -19.34 -5.07 -4.45
CA GLU B 47 -18.42 -6.09 -3.92
C GLU B 47 -18.44 -7.29 -4.86
N ASN B 48 -17.43 -8.15 -4.76
N ASN B 48 -17.45 -8.19 -4.75
CA ASN B 48 -17.38 -9.38 -5.55
CA ASN B 48 -17.39 -9.38 -5.61
C ASN B 48 -17.68 -9.08 -7.04
C ASN B 48 -17.70 -9.06 -7.06
N PHE B 49 -16.81 -8.29 -7.67
CA PHE B 49 -17.01 -7.78 -9.04
C PHE B 49 -15.69 -7.72 -9.75
N GLU B 50 -15.76 -7.54 -11.06
CA GLU B 50 -14.57 -7.23 -11.81
C GLU B 50 -14.80 -6.00 -12.68
N LEU B 51 -13.70 -5.28 -12.89
CA LEU B 51 -13.72 -4.03 -13.57
C LEU B 51 -12.86 -4.20 -14.82
N ASP B 52 -13.31 -3.68 -15.96
CA ASP B 52 -12.58 -3.79 -17.22
C ASP B 52 -12.56 -2.39 -17.86
N LEU B 53 -11.38 -1.86 -18.20
CA LEU B 53 -11.24 -0.50 -18.68
C LEU B 53 -10.04 -0.32 -19.61
N ASP B 54 -10.08 0.75 -20.38
CA ASP B 54 -8.91 1.22 -21.13
C ASP B 54 -8.48 2.52 -20.49
N PHE B 55 -7.19 2.78 -20.51
CA PHE B 55 -6.66 4.04 -20.03
C PHE B 55 -5.46 4.37 -20.86
N LYS B 56 -5.22 5.68 -20.96
CA LYS B 56 -4.10 6.23 -21.74
C LYS B 56 -3.36 7.18 -20.83
N THR B 57 -2.04 6.98 -20.68
CA THR B 57 -1.26 7.86 -19.83
C THR B 57 -0.68 9.09 -20.57
N ASP B 58 -0.24 10.05 -19.77
CA ASP B 58 0.57 11.20 -20.18
C ASP B 58 1.97 10.95 -19.58
N VAL B 59 2.96 11.74 -19.99
CA VAL B 59 4.27 11.70 -19.37
C VAL B 59 4.10 12.00 -17.90
N GLY B 60 4.50 11.05 -17.05
CA GLY B 60 4.53 11.25 -15.61
C GLY B 60 3.23 11.00 -14.88
N THR B 61 2.22 10.48 -15.59
CA THR B 61 0.93 10.11 -14.98
C THR B 61 1.07 9.28 -13.71
N ASN B 62 0.26 9.63 -12.73
CA ASN B 62 0.17 8.92 -11.49
C ASN B 62 -1.27 9.11 -11.06
N SER B 63 -2.06 8.06 -11.28
CA SER B 63 -3.49 8.08 -11.01
C SER B 63 -3.84 6.70 -10.39
N GLY B 64 -5.08 6.28 -10.47
CA GLY B 64 -5.45 5.03 -9.81
C GLY B 64 -6.92 4.77 -9.89
N VAL B 65 -7.25 3.50 -9.75
CA VAL B 65 -8.61 3.04 -9.64
C VAL B 65 -8.84 2.72 -8.19
N VAL B 66 -9.85 3.33 -7.60
CA VAL B 66 -10.06 3.17 -6.15
C VAL B 66 -11.26 2.26 -5.95
N VAL B 67 -11.11 1.24 -5.13
CA VAL B 67 -12.19 0.30 -4.86
C VAL B 67 -12.40 0.17 -3.36
N TYR B 68 -13.52 -0.47 -3.00
CA TYR B 68 -13.87 -0.72 -1.60
C TYR B 68 -13.90 0.57 -0.77
N CYS B 69 -14.29 1.67 -1.38
CA CYS B 69 -14.28 2.96 -0.67
C CYS B 69 -15.49 3.08 0.23
N THR B 70 -15.25 3.23 1.53
CA THR B 70 -16.36 3.31 2.49
C THR B 70 -16.77 4.77 2.78
N ASP B 71 -16.02 5.76 2.28
CA ASP B 71 -16.30 7.17 2.55
C ASP B 71 -15.68 7.97 1.44
N THR B 72 -16.48 8.53 0.54
CA THR B 72 -15.90 9.16 -0.65
C THR B 72 -15.35 10.58 -0.38
N LYS B 73 -15.52 11.12 0.83
CA LYS B 73 -14.90 12.39 1.19
C LYS B 73 -13.52 12.16 1.79
N ASP B 74 -13.44 11.33 2.84
CA ASP B 74 -12.17 10.89 3.45
C ASP B 74 -11.78 9.52 2.84
N TRP B 75 -11.58 9.49 1.54
CA TRP B 75 -11.45 8.23 0.83
C TRP B 75 -10.05 7.62 0.92
N ILE B 76 -9.04 8.49 1.08
CA ILE B 76 -7.65 8.04 0.97
C ILE B 76 -7.33 6.87 1.90
N PRO B 77 -7.62 7.00 3.22
CA PRO B 77 -7.35 5.89 4.11
C PRO B 77 -8.46 4.82 4.21
N ASN B 78 -9.58 5.02 3.51
CA ASN B 78 -10.75 4.13 3.59
C ASN B 78 -11.10 3.46 2.25
N SER B 79 -10.10 2.89 1.60
CA SER B 79 -10.24 2.34 0.24
C SER B 79 -8.96 1.63 -0.12
N VAL B 80 -8.97 0.99 -1.28
CA VAL B 80 -7.80 0.30 -1.79
C VAL B 80 -7.54 0.88 -3.17
N GLU B 81 -6.27 1.20 -3.50
CA GLU B 81 -5.97 1.84 -4.79
C GLU B 81 -5.15 0.89 -5.67
N ILE B 82 -5.62 0.66 -6.91
CA ILE B 82 -4.85 0.06 -7.97
C ILE B 82 -4.14 1.18 -8.72
N GLN B 83 -2.80 1.17 -8.63
CA GLN B 83 -1.98 2.22 -9.18
C GLN B 83 -2.07 2.22 -10.69
N ILE B 84 -2.21 3.40 -11.28
CA ILE B 84 -1.94 3.61 -12.71
C ILE B 84 -0.82 4.64 -12.76
N ALA B 85 0.28 4.27 -13.39
CA ALA B 85 1.44 5.13 -13.51
C ALA B 85 2.08 5.01 -14.89
N ASP B 86 2.70 6.12 -15.31
CA ASP B 86 3.66 6.12 -16.41
C ASP B 86 5.02 5.59 -15.95
N ASP B 87 5.18 4.28 -16.01
CA ASP B 87 6.40 3.60 -15.60
C ASP B 87 7.60 4.08 -16.45
N HIS B 88 7.34 4.72 -17.59
CA HIS B 88 8.41 5.14 -18.51
C HIS B 88 9.11 6.46 -18.16
N CYS B 89 8.60 7.25 -17.23
CA CYS B 89 9.30 8.51 -16.87
C CYS B 89 10.30 8.28 -15.73
N GLU B 90 11.25 9.22 -15.57
CA GLU B 90 12.25 9.18 -14.48
C GLU B 90 11.67 8.94 -13.09
N LYS B 91 10.72 9.78 -12.68
CA LYS B 91 10.17 9.76 -11.29
C LYS B 91 9.64 8.39 -10.82
N TRP B 92 8.81 7.74 -11.63
N TRP B 92 8.81 7.76 -11.66
CA TRP B 92 8.22 6.43 -11.26
CA TRP B 92 8.16 6.47 -11.35
C TRP B 92 9.00 5.26 -11.82
C TRP B 92 8.99 5.28 -11.83
N GLY B 93 10.04 5.54 -12.61
CA GLY B 93 10.98 4.52 -13.08
C GLY B 93 12.14 4.33 -12.09
N ASN B 94 12.40 5.36 -11.28
CA ASN B 94 13.28 5.26 -10.11
C ASN B 94 12.48 5.25 -8.81
N GLY B 95 11.26 4.68 -8.88
CA GLY B 95 10.31 4.64 -7.79
C GLY B 95 10.19 3.28 -7.14
N LYS B 96 9.35 3.23 -6.13
CA LYS B 96 9.11 2.01 -5.39
C LYS B 96 8.28 1.07 -6.23
N PRO B 97 8.45 -0.25 -6.07
CA PRO B 97 7.58 -1.20 -6.73
C PRO B 97 6.10 -0.87 -6.60
N TYR B 98 5.66 -0.39 -5.44
CA TYR B 98 4.21 -0.17 -5.28
C TYR B 98 3.68 1.09 -6.01
N GLU B 99 4.58 1.86 -6.62
CA GLU B 99 4.23 3.05 -7.44
C GLU B 99 4.12 2.74 -8.95
N LYS B 100 4.44 1.51 -9.36
CA LYS B 100 4.42 1.12 -10.75
C LYS B 100 2.96 0.84 -11.11
N CYS B 101 2.67 0.91 -12.40
CA CYS B 101 1.36 0.59 -12.94
C CYS B 101 0.91 -0.83 -12.53
N GLY B 102 -0.34 -0.94 -12.08
CA GLY B 102 -0.92 -2.22 -11.71
C GLY B 102 -0.63 -2.68 -10.27
N ALA B 103 0.24 -1.96 -9.56
CA ALA B 103 0.51 -2.25 -8.16
C ALA B 103 -0.74 -1.96 -7.35
N ILE B 104 -0.81 -2.50 -6.14
CA ILE B 104 -1.70 -1.99 -5.09
C ILE B 104 -0.91 -0.89 -4.40
N TYR B 105 -1.29 0.35 -4.64
CA TYR B 105 -0.49 1.46 -4.20
C TYR B 105 -0.22 1.40 -2.71
N GLY B 106 1.03 1.64 -2.35
CA GLY B 106 1.45 1.66 -0.97
C GLY B 106 1.70 0.28 -0.38
N HIS B 107 1.31 -0.79 -1.08
CA HIS B 107 1.09 -2.09 -0.42
C HIS B 107 1.71 -3.29 -1.08
N LEU B 108 1.59 -3.39 -2.40
CA LEU B 108 2.10 -4.54 -3.14
C LEU B 108 2.56 -4.09 -4.50
N GLY B 109 3.82 -4.39 -4.85
CA GLY B 109 4.35 -4.10 -6.19
C GLY B 109 3.76 -5.02 -7.24
N ALA B 110 3.89 -4.61 -8.50
CA ALA B 110 3.58 -5.45 -9.64
C ALA B 110 4.76 -6.37 -9.89
N VAL B 111 4.53 -7.51 -10.53
CA VAL B 111 5.59 -8.49 -10.82
C VAL B 111 6.69 -7.90 -11.71
N GLN B 112 6.31 -7.01 -12.61
CA GLN B 112 7.30 -6.25 -13.34
C GLN B 112 6.68 -4.94 -13.80
N ASP B 113 7.55 -4.00 -14.19
CA ASP B 113 7.11 -2.68 -14.62
C ASP B 113 7.17 -2.59 -16.13
N LYS B 114 6.79 -1.43 -16.66
N LYS B 114 6.79 -1.43 -16.67
CA LYS B 114 6.74 -1.19 -18.10
CA LYS B 114 6.75 -1.18 -18.10
C LYS B 114 5.91 -2.24 -18.88
C LYS B 114 5.92 -2.24 -18.88
N VAL B 115 4.92 -2.83 -18.20
CA VAL B 115 3.86 -3.60 -18.87
C VAL B 115 2.87 -2.53 -19.43
N VAL B 116 2.76 -1.39 -18.72
CA VAL B 116 2.04 -0.21 -19.22
C VAL B 116 2.76 0.26 -20.47
N LYS B 117 2.00 0.67 -21.46
CA LYS B 117 2.53 1.27 -22.66
C LYS B 117 3.01 2.69 -22.38
N LYS B 118 3.64 3.28 -23.39
CA LYS B 118 4.13 4.66 -23.29
C LYS B 118 2.99 5.67 -23.32
N PRO B 119 3.25 6.88 -22.85
CA PRO B 119 2.26 7.93 -22.89
C PRO B 119 1.66 8.03 -24.27
N GLY B 120 0.36 8.28 -24.34
CA GLY B 120 -0.29 8.42 -25.64
C GLY B 120 -0.88 7.15 -26.22
N GLU B 121 -0.45 5.99 -25.72
CA GLU B 121 -1.03 4.72 -26.19
C GLU B 121 -2.14 4.25 -25.24
N TRP B 122 -3.10 3.50 -25.78
CA TRP B 122 -4.15 2.91 -24.98
C TRP B 122 -3.77 1.57 -24.36
N ASN B 123 -4.03 1.45 -23.07
CA ASN B 123 -3.81 0.24 -22.31
C ASN B 123 -5.15 -0.39 -21.98
N HIS B 124 -5.10 -1.65 -21.57
CA HIS B 124 -6.26 -2.34 -21.05
C HIS B 124 -5.95 -2.91 -19.66
N MSE B 125 -6.89 -2.78 -18.74
CA MSE B 125 -6.74 -3.35 -17.44
C MSE B 125 -8.00 -4.05 -17.01
O MSE B 125 -9.14 -3.54 -17.22
CB MSE B 125 -6.41 -2.26 -16.40
CG MSE B 125 -6.14 -2.77 -14.99
SE MSE B 125 -5.64 -1.20 -13.94
CE MSE B 125 -3.79 -1.35 -14.26
N ARG B 126 -7.78 -5.22 -16.41
CA ARG B 126 -8.84 -5.86 -15.65
C ARG B 126 -8.50 -6.02 -14.16
N ILE B 127 -9.43 -5.69 -13.31
CA ILE B 127 -9.27 -5.74 -11.87
C ILE B 127 -10.38 -6.64 -11.32
N LYS B 128 -9.96 -7.72 -10.68
CA LYS B 128 -10.89 -8.65 -10.09
C LYS B 128 -10.85 -8.49 -8.57
N CYS B 129 -12.02 -8.15 -8.03
CA CYS B 129 -12.17 -7.88 -6.64
C CYS B 129 -13.05 -8.89 -5.94
N ALA B 130 -12.43 -9.97 -5.43
CA ALA B 130 -13.15 -11.09 -4.80
C ALA B 130 -12.95 -11.05 -3.32
N GLY B 131 -13.74 -10.21 -2.65
CA GLY B 131 -13.54 -9.96 -1.22
C GLY B 131 -12.11 -9.54 -0.95
N GLN B 132 -11.42 -10.26 -0.08
CA GLN B 132 -10.05 -9.92 0.26
C GLN B 132 -9.03 -10.23 -0.84
N HIS B 133 -9.45 -10.87 -1.92
CA HIS B 133 -8.57 -11.24 -3.01
C HIS B 133 -8.74 -10.30 -4.20
N ILE B 134 -7.67 -9.58 -4.54
CA ILE B 134 -7.64 -8.66 -5.66
C ILE B 134 -6.57 -9.08 -6.70
N MSE B 135 -6.97 -9.16 -7.95
N MSE B 135 -6.98 -9.18 -7.96
CA MSE B 135 -6.05 -9.49 -9.04
CA MSE B 135 -6.07 -9.51 -9.05
C MSE B 135 -6.07 -8.38 -10.09
C MSE B 135 -6.07 -8.41 -10.10
O MSE B 135 -7.13 -7.91 -10.48
O MSE B 135 -7.14 -7.97 -10.54
CB MSE B 135 -6.46 -10.79 -9.71
CB MSE B 135 -6.46 -10.81 -9.74
CG MSE B 135 -5.49 -11.32 -10.76
CG MSE B 135 -6.60 -12.01 -8.83
SE MSE B 135 -6.36 -12.72 -11.82
SE MSE B 135 -6.07 -13.71 -9.68
CE MSE B 135 -7.39 -13.63 -10.44
CE MSE B 135 -6.61 -13.33 -11.50
N VAL B 136 -4.88 -7.99 -10.53
CA VAL B 136 -4.72 -6.98 -11.59
C VAL B 136 -4.06 -7.60 -12.80
N ILE B 137 -4.73 -7.46 -13.95
CA ILE B 137 -4.24 -7.93 -15.25
C ILE B 137 -4.10 -6.67 -16.09
N LEU B 138 -2.92 -6.43 -16.65
CA LEU B 138 -2.59 -5.22 -17.41
C LEU B 138 -2.07 -5.57 -18.78
N ASN B 139 -2.71 -5.08 -19.83
CA ASN B 139 -2.34 -5.51 -21.19
C ASN B 139 -2.14 -7.02 -21.30
N GLY B 140 -3.09 -7.78 -20.78
CA GLY B 140 -3.05 -9.24 -20.86
C GLY B 140 -2.18 -9.98 -19.86
N LYS B 141 -1.47 -9.27 -19.01
CA LYS B 141 -0.51 -9.87 -18.10
C LYS B 141 -0.95 -9.62 -16.67
N LYS B 142 -1.06 -10.72 -15.92
CA LYS B 142 -1.37 -10.69 -14.52
C LYS B 142 -0.15 -10.12 -13.81
N VAL B 143 -0.32 -8.97 -13.20
CA VAL B 143 0.82 -8.26 -12.59
C VAL B 143 0.77 -8.25 -11.08
N THR B 144 -0.42 -8.45 -10.50
CA THR B 144 -0.58 -8.26 -9.05
C THR B 144 -1.66 -9.18 -8.51
N GLU B 145 -1.34 -9.88 -7.43
CA GLU B 145 -2.35 -10.70 -6.75
C GLU B 145 -2.20 -10.55 -5.27
N MSE B 146 -3.19 -9.87 -4.69
CA MSE B 146 -3.16 -9.50 -3.30
C MSE B 146 -4.19 -10.33 -2.54
O MSE B 146 -5.35 -10.34 -2.92
CB MSE B 146 -3.51 -7.99 -3.14
CG MSE B 146 -3.73 -7.64 -1.68
SE MSE B 146 -3.85 -5.77 -1.24
CE MSE B 146 -2.04 -5.38 -1.29
N ASP B 147 -3.75 -10.97 -1.46
CA ASP B 147 -4.60 -11.51 -0.39
C ASP B 147 -4.52 -10.52 0.79
N MSE B 148 -5.57 -9.72 0.94
CA MSE B 148 -5.58 -8.61 1.94
C MSE B 148 -5.50 -9.11 3.41
O MSE B 148 -5.10 -8.36 4.31
CB MSE B 148 -6.83 -7.76 1.76
CG MSE B 148 -6.93 -7.03 0.37
SE MSE B 148 -8.66 -6.17 0.20
CE MSE B 148 -8.61 -4.85 1.64
N SER B 149 -5.86 -10.37 3.67
CA SER B 149 -5.66 -10.92 4.99
C SER B 149 -4.19 -10.96 5.45
N LYS B 150 -3.25 -10.88 4.53
CA LYS B 150 -1.85 -10.87 4.91
C LYS B 150 -1.42 -9.51 5.50
N TRP B 151 -2.17 -8.47 5.19
CA TRP B 151 -1.85 -7.06 5.55
C TRP B 151 -2.37 -6.67 6.93
N THR B 152 -1.85 -7.34 7.93
CA THR B 152 -2.28 -7.15 9.32
C THR B 152 -1.65 -5.92 9.99
N SER B 153 -0.60 -5.36 9.41
CA SER B 153 -0.03 -4.07 9.83
C SER B 153 -0.38 -2.95 8.83
N GLY B 154 -0.57 -1.74 9.35
CA GLY B 154 -0.82 -0.57 8.55
C GLY B 154 0.40 0.33 8.41
N THR B 155 1.52 -0.10 9.00
CA THR B 155 2.80 0.59 8.86
C THR B 155 3.82 -0.23 8.02
N LYS B 156 3.72 -1.57 8.00
CA LYS B 156 4.62 -2.43 7.25
C LYS B 156 3.86 -3.44 6.39
N ASN B 157 4.36 -3.59 5.17
CA ASN B 157 3.90 -4.59 4.24
C ASN B 157 4.44 -5.97 4.63
N PRO B 158 3.78 -7.05 4.22
CA PRO B 158 4.31 -8.39 4.50
C PRO B 158 5.79 -8.59 4.23
N ASP B 159 6.28 -8.05 3.12
CA ASP B 159 7.70 -8.13 2.78
C ASP B 159 8.61 -7.24 3.62
N GLY B 160 8.02 -6.41 4.49
CA GLY B 160 8.80 -5.58 5.43
C GLY B 160 8.95 -4.13 4.97
N SER B 161 8.53 -3.81 3.75
CA SER B 161 8.59 -2.42 3.24
C SER B 161 7.63 -1.49 4.00
N ASP B 162 8.01 -0.21 4.10
CA ASP B 162 7.14 0.79 4.73
C ASP B 162 5.91 1.12 3.89
N ILE B 163 4.74 1.12 4.53
CA ILE B 163 3.51 1.64 3.96
C ILE B 163 3.52 3.18 4.18
N PRO B 164 3.08 3.97 3.18
CA PRO B 164 2.86 5.43 3.34
C PRO B 164 2.10 5.79 4.62
N SER B 165 2.62 6.78 5.33
CA SER B 165 2.09 7.19 6.63
C SER B 165 0.65 7.69 6.50
N TRP B 166 0.19 7.99 5.29
CA TRP B 166 -1.17 8.43 5.11
C TRP B 166 -2.17 7.29 4.81
N LEU B 167 -1.69 6.06 4.88
CA LEU B 167 -2.49 4.85 4.67
C LEU B 167 -2.30 3.89 5.84
N PRO B 168 -2.71 4.32 7.07
CA PRO B 168 -2.49 3.57 8.30
C PRO B 168 -3.43 2.41 8.63
N LYS B 169 -4.51 2.25 7.87
CA LYS B 169 -5.47 1.16 8.21
C LYS B 169 -4.99 -0.17 7.66
N PRO B 170 -4.80 -1.17 8.54
CA PRO B 170 -4.39 -2.48 8.03
C PRO B 170 -5.38 -3.00 7.00
N PHE B 171 -4.90 -3.42 5.83
CA PHE B 171 -5.81 -3.90 4.79
C PHE B 171 -6.55 -5.19 5.18
N ALA B 172 -5.97 -5.97 6.12
CA ALA B 172 -6.64 -7.19 6.66
C ALA B 172 -7.96 -6.85 7.40
N GLU B 173 -8.12 -5.59 7.78
CA GLU B 173 -9.33 -5.17 8.49
C GLU B 173 -10.26 -4.31 7.67
N LEU B 174 -9.87 -3.91 6.45
CA LEU B 174 -10.78 -3.11 5.62
C LEU B 174 -11.98 -3.91 5.18
N PRO B 175 -13.14 -3.26 5.07
CA PRO B 175 -14.28 -3.79 4.35
C PRO B 175 -13.97 -4.03 2.88
N THR B 176 -14.64 -5.02 2.28
CA THR B 176 -14.37 -5.41 0.88
C THR B 176 -15.63 -5.14 0.04
N LYS B 177 -16.27 -4.01 0.37
CA LYS B 177 -17.42 -3.48 -0.33
C LYS B 177 -17.37 -1.95 -0.19
N GLY B 178 -17.66 -1.25 -1.29
CA GLY B 178 -17.77 0.20 -1.23
C GLY B 178 -17.97 0.82 -2.59
N PHE B 179 -17.82 2.13 -2.63
CA PHE B 179 -17.79 2.85 -3.89
C PHE B 179 -16.52 2.52 -4.68
N ILE B 180 -16.62 2.76 -5.99
CA ILE B 180 -15.53 2.71 -6.93
C ILE B 180 -15.34 4.13 -7.48
N GLY B 181 -14.08 4.52 -7.67
CA GLY B 181 -13.76 5.82 -8.17
C GLY B 181 -12.48 5.84 -8.97
N LEU B 182 -12.29 6.92 -9.70
CA LEU B 182 -11.08 7.13 -10.49
C LEU B 182 -10.50 8.42 -10.00
N GLN B 183 -9.17 8.50 -9.93
N GLN B 183 -9.19 8.39 -9.77
CA GLN B 183 -8.51 9.62 -9.24
CA GLN B 183 -8.48 9.58 -9.35
C GLN B 183 -8.53 10.99 -9.93
C GLN B 183 -8.48 10.56 -10.50
N GLY B 184 -8.30 11.01 -11.24
N GLY B 184 -8.43 11.83 -10.14
CA GLY B 184 -8.12 12.29 -11.95
CA GLY B 184 -8.30 12.87 -11.12
C GLY B 184 -6.94 13.13 -11.43
C GLY B 184 -6.85 13.08 -11.51
N LYS B 185 -6.63 14.20 -12.19
CA LYS B 185 -5.31 14.74 -12.42
C LYS B 185 -4.42 14.79 -11.18
N HIS B 186 -3.24 14.22 -11.32
CA HIS B 186 -2.21 14.30 -10.32
C HIS B 186 -1.02 15.11 -10.85
N GLY B 187 -0.50 16.00 -10.01
CA GLY B 187 0.52 16.97 -10.44
C GLY B 187 0.11 17.57 -11.75
N ASP B 188 1.08 17.70 -12.66
CA ASP B 188 0.80 18.21 -13.99
C ASP B 188 0.64 17.16 -15.08
N SER B 189 0.12 15.97 -14.75
CA SER B 189 -0.04 14.88 -15.72
C SER B 189 -1.49 14.39 -15.82
N LEU B 190 -2.00 14.39 -17.03
CA LEU B 190 -3.34 13.92 -17.32
C LEU B 190 -3.41 12.40 -17.46
N ILE B 191 -4.64 11.92 -17.47
CA ILE B 191 -4.97 10.56 -17.74
C ILE B 191 -6.36 10.53 -18.36
N TRP B 192 -6.55 9.59 -19.28
CA TRP B 192 -7.85 9.42 -19.96
C TRP B 192 -8.26 7.95 -19.91
N PHE B 193 -9.57 7.70 -19.85
CA PHE B 193 -10.14 6.36 -19.74
C PHE B 193 -11.24 6.19 -20.80
N ARG B 194 -11.55 4.95 -21.18
CA ARG B 194 -12.78 4.64 -21.93
C ARG B 194 -13.21 3.18 -21.69
N ASN B 195 -14.44 2.82 -22.11
CA ASN B 195 -14.91 1.43 -22.04
C ASN B 195 -14.77 0.85 -20.61
N ILE B 196 -15.09 1.69 -19.63
CA ILE B 196 -15.04 1.29 -18.23
C ILE B 196 -16.30 0.53 -17.93
N LYS B 197 -16.19 -0.79 -17.70
CA LYS B 197 -17.35 -1.63 -17.40
C LYS B 197 -17.15 -2.52 -16.17
N ILE B 198 -18.27 -2.99 -15.62
CA ILE B 198 -18.31 -3.74 -14.37
C ILE B 198 -19.28 -4.90 -14.50
N ARG B 199 -18.93 -6.00 -13.86
CA ARG B 199 -19.87 -7.12 -13.74
C ARG B 199 -19.56 -7.86 -12.46
N SER B 200 -20.57 -8.54 -11.94
CA SER B 200 -20.37 -9.37 -10.77
C SER B 200 -19.50 -10.60 -11.07
N LEU B 201 -18.71 -11.00 -10.08
CA LEU B 201 -18.00 -12.28 -10.11
C LEU B 201 -18.94 -13.41 -9.70
N ASN C 5 12.42 -46.98 -2.35
CA ASN C 5 12.91 -45.61 -2.01
C ASN C 5 12.85 -45.35 -0.47
N LYS C 6 13.88 -44.67 0.04
CA LYS C 6 14.03 -44.35 1.46
C LYS C 6 13.77 -42.84 1.70
N TRP C 7 13.43 -42.48 2.92
CA TRP C 7 13.19 -41.06 3.27
C TRP C 7 14.46 -40.24 3.15
N LYS C 8 14.33 -39.04 2.61
CA LYS C 8 15.41 -38.06 2.61
C LYS C 8 14.87 -36.68 3.03
N PRO C 9 15.70 -35.89 3.72
CA PRO C 9 15.20 -34.54 4.04
C PRO C 9 14.73 -33.84 2.77
N LEU C 10 13.53 -33.24 2.78
CA LEU C 10 13.03 -32.57 1.58
C LEU C 10 13.99 -31.50 1.05
N PHE C 11 14.68 -30.78 1.94
CA PHE C 11 15.48 -29.64 1.49
C PHE C 11 16.99 -29.86 1.55
N GLY C 12 17.41 -31.12 1.66
CA GLY C 12 18.80 -31.43 1.84
C GLY C 12 19.24 -31.14 3.28
N LYS C 13 20.55 -30.96 3.46
CA LYS C 13 21.09 -30.48 4.73
C LYS C 13 21.27 -28.99 4.61
N ASN C 14 20.94 -28.25 5.69
CA ASN C 14 21.15 -26.80 5.76
C ASN C 14 20.32 -26.06 4.71
N LEU C 15 19.24 -26.67 4.26
CA LEU C 15 18.37 -26.11 3.23
C LEU C 15 19.08 -25.96 1.88
N GLU C 16 20.16 -26.70 1.64
CA GLU C 16 20.89 -26.46 0.38
C GLU C 16 20.14 -26.90 -0.90
N ASN C 17 19.08 -27.66 -0.79
CA ASN C 17 18.31 -28.02 -1.98
C ASN C 17 17.00 -27.25 -2.09
N ALA C 18 16.95 -26.08 -1.46
CA ALA C 18 15.78 -25.21 -1.50
C ALA C 18 16.13 -23.86 -2.13
N ASN C 19 15.16 -23.28 -2.83
CA ASN C 19 15.17 -21.88 -3.25
C ASN C 19 14.31 -21.09 -2.26
N TYR C 20 14.97 -20.15 -1.58
CA TYR C 20 14.44 -19.42 -0.45
C TYR C 20 15.28 -18.19 -0.21
N ASN C 21 14.76 -17.27 0.58
CA ASN C 21 15.48 -16.08 1.01
C ASN C 21 15.92 -16.38 2.43
N PRO C 22 17.27 -16.40 2.66
CA PRO C 22 17.76 -16.74 4.00
C PRO C 22 17.49 -15.69 5.07
N GLU C 23 17.06 -14.49 4.67
CA GLU C 23 16.49 -13.53 5.61
C GLU C 23 15.01 -13.81 5.99
N VAL C 24 14.35 -14.71 5.28
CA VAL C 24 12.98 -15.13 5.60
C VAL C 24 12.94 -16.51 6.31
N TRP C 25 13.65 -17.49 5.74
CA TRP C 25 13.64 -18.85 6.25
C TRP C 25 14.97 -19.23 6.85
N SER C 26 14.90 -19.92 7.97
CA SER C 26 16.08 -20.45 8.60
C SER C 26 15.70 -21.62 9.49
N GLU C 27 16.69 -22.45 9.69
CA GLU C 27 16.57 -23.71 10.40
C GLU C 27 17.46 -23.56 11.65
N THR C 28 16.88 -23.77 12.85
CA THR C 28 17.64 -23.74 14.11
C THR C 28 17.36 -24.98 14.93
N ASP C 29 18.41 -25.74 15.24
CA ASP C 29 18.30 -27.04 15.94
C ASP C 29 17.27 -27.95 15.26
N GLY C 30 17.24 -27.91 13.93
CA GLY C 30 16.36 -28.76 13.15
C GLY C 30 15.01 -28.14 12.84
N VAL C 31 14.70 -27.01 13.47
CA VAL C 31 13.40 -26.36 13.33
C VAL C 31 13.46 -25.25 12.28
N LEU C 32 12.72 -25.48 11.20
CA LEU C 32 12.57 -24.51 10.14
C LEU C 32 11.42 -23.54 10.45
N GLY C 33 11.71 -22.24 10.33
CA GLY C 33 10.73 -21.21 10.57
C GLY C 33 10.84 -20.06 9.61
N ALA C 34 9.72 -19.40 9.38
CA ALA C 34 9.62 -18.25 8.50
C ALA C 34 9.29 -17.02 9.32
N VAL C 35 10.06 -15.96 9.12
CA VAL C 35 9.79 -14.67 9.76
C VAL C 35 9.15 -13.66 8.80
N LYS C 36 8.95 -14.04 7.53
CA LYS C 36 8.21 -13.19 6.56
C LYS C 36 7.32 -14.07 5.69
N ASP C 37 6.66 -13.46 4.71
CA ASP C 37 5.58 -14.11 3.97
C ASP C 37 5.99 -14.99 2.79
N GLU C 38 7.21 -14.88 2.29
CA GLU C 38 7.61 -15.62 1.12
C GLU C 38 7.76 -17.13 1.38
N SER C 39 7.59 -17.90 0.33
CA SER C 39 7.64 -19.34 0.40
C SER C 39 9.06 -19.87 0.32
N ILE C 40 9.22 -21.12 0.77
CA ILE C 40 10.42 -21.89 0.54
C ILE C 40 10.04 -23.02 -0.41
N TRP C 41 10.81 -23.17 -1.49
CA TRP C 41 10.56 -24.16 -2.57
C TRP C 41 11.70 -25.16 -2.73
N THR C 42 11.33 -26.39 -3.10
CA THR C 42 12.31 -27.37 -3.58
C THR C 42 12.93 -26.85 -4.89
N LYS C 43 14.23 -27.09 -5.06
CA LYS C 43 14.94 -26.84 -6.34
C LYS C 43 14.47 -27.81 -7.44
N ASP C 44 14.06 -29.01 -7.02
CA ASP C 44 13.59 -30.07 -7.92
C ASP C 44 12.08 -30.31 -7.89
N GLU C 45 11.61 -30.95 -8.95
CA GLU C 45 10.20 -31.29 -9.11
C GLU C 45 9.99 -32.72 -8.59
N TYR C 46 8.76 -33.01 -8.19
CA TYR C 46 8.45 -34.31 -7.63
C TYR C 46 7.04 -34.73 -8.07
N GLU C 47 6.85 -36.03 -8.05
CA GLU C 47 5.69 -36.69 -8.62
C GLU C 47 5.69 -38.07 -7.98
N ASN C 48 4.53 -38.66 -7.74
CA ASN C 48 4.47 -39.98 -7.15
C ASN C 48 5.26 -40.16 -5.86
N PHE C 49 4.86 -39.43 -4.84
CA PHE C 49 5.67 -39.31 -3.64
C PHE C 49 4.84 -39.18 -2.38
N GLU C 50 5.53 -39.31 -1.26
CA GLU C 50 4.94 -38.95 -0.02
C GLU C 50 5.84 -38.02 0.77
N LEU C 51 5.22 -37.06 1.46
N LEU C 51 5.19 -37.04 1.42
CA LEU C 51 5.94 -36.09 2.26
CA LEU C 51 5.83 -36.10 2.29
C LEU C 51 5.49 -36.27 3.70
C LEU C 51 5.51 -36.51 3.70
N ASP C 52 6.46 -36.31 4.62
CA ASP C 52 6.20 -36.55 6.04
C ASP C 52 6.85 -35.41 6.80
N LEU C 53 6.12 -34.74 7.69
CA LEU C 53 6.69 -33.57 8.35
C LEU C 53 6.03 -33.34 9.71
N ASP C 54 6.70 -32.62 10.59
CA ASP C 54 6.02 -32.12 11.79
C ASP C 54 5.84 -30.63 11.55
N PHE C 55 4.75 -30.06 12.05
CA PHE C 55 4.56 -28.63 12.04
C PHE C 55 3.93 -28.17 13.32
N LYS C 56 4.21 -26.91 13.65
CA LYS C 56 3.65 -26.25 14.83
C LYS C 56 3.02 -24.92 14.42
N THR C 57 1.81 -24.67 14.88
CA THR C 57 1.14 -23.42 14.58
C THR C 57 1.31 -22.36 15.64
N ASP C 58 0.97 -21.15 15.18
CA ASP C 58 0.84 -19.97 15.98
C ASP C 58 -0.64 -19.67 15.96
N VAL C 59 -1.09 -18.82 16.87
CA VAL C 59 -2.44 -18.34 16.87
C VAL C 59 -2.64 -17.72 15.50
N GLY C 60 -3.68 -18.17 14.80
CA GLY C 60 -4.02 -17.59 13.53
C GLY C 60 -3.22 -18.05 12.33
N THR C 61 -2.34 -19.03 12.50
CA THR C 61 -1.55 -19.53 11.39
C THR C 61 -2.40 -19.82 10.15
N ASN C 62 -1.88 -19.42 8.98
CA ASN C 62 -2.47 -19.80 7.72
C ASN C 62 -1.38 -19.99 6.71
N SER C 63 -0.77 -21.16 6.80
CA SER C 63 0.31 -21.59 5.91
C SER C 63 -0.21 -22.69 4.98
N GLY C 64 0.68 -23.53 4.52
CA GLY C 64 0.30 -24.55 3.59
C GLY C 64 1.46 -25.28 2.99
N VAL C 65 1.17 -26.47 2.50
CA VAL C 65 2.07 -27.25 1.72
C VAL C 65 1.55 -27.16 0.29
N VAL C 66 2.41 -26.71 -0.62
CA VAL C 66 2.04 -26.53 -2.02
C VAL C 66 2.75 -27.62 -2.79
N VAL C 67 2.01 -28.38 -3.58
CA VAL C 67 2.58 -29.50 -4.34
C VAL C 67 2.15 -29.33 -5.78
N TYR C 68 2.81 -30.04 -6.69
CA TYR C 68 2.53 -29.98 -8.12
C TYR C 68 2.62 -28.55 -8.64
N CYS C 69 3.61 -27.80 -8.16
CA CYS C 69 3.73 -26.43 -8.58
C CYS C 69 4.47 -26.36 -9.89
N THR C 70 3.81 -25.85 -10.92
CA THR C 70 4.47 -25.70 -12.24
C THR C 70 5.01 -24.29 -12.49
N ASP C 71 4.93 -23.42 -11.48
CA ASP C 71 5.35 -22.03 -11.57
C ASP C 71 5.44 -21.45 -10.17
N THR C 72 6.67 -21.32 -9.70
N THR C 72 6.66 -21.30 -9.67
CA THR C 72 6.96 -20.90 -8.33
CA THR C 72 6.83 -20.90 -8.27
C THR C 72 6.66 -19.42 -8.09
C THR C 72 6.64 -19.40 -8.07
N LYS C 73 6.66 -18.64 -9.17
CA LYS C 73 6.39 -17.20 -9.10
C LYS C 73 4.87 -17.01 -9.05
N ASP C 74 4.18 -17.48 -10.09
CA ASP C 74 2.74 -17.47 -10.15
C ASP C 74 2.19 -18.83 -9.73
N TRP C 75 2.30 -19.12 -8.43
CA TRP C 75 2.02 -20.46 -7.92
C TRP C 75 0.57 -20.70 -7.65
N ILE C 76 -0.15 -19.64 -7.37
CA ILE C 76 -1.53 -19.80 -6.87
C ILE C 76 -2.40 -20.63 -7.83
N PRO C 77 -2.46 -20.27 -9.13
CA PRO C 77 -3.29 -21.04 -10.07
C PRO C 77 -2.57 -22.21 -10.77
N ASN C 78 -1.31 -22.45 -10.39
CA ASN C 78 -0.44 -23.47 -10.99
C ASN C 78 0.07 -24.45 -9.94
N SER C 79 -0.83 -24.92 -9.07
CA SER C 79 -0.45 -25.80 -7.95
C SER C 79 -1.66 -26.29 -7.15
N VAL C 80 -1.41 -27.24 -6.26
CA VAL C 80 -2.39 -27.71 -5.31
C VAL C 80 -1.87 -27.30 -3.93
N GLU C 81 -2.74 -26.72 -3.13
CA GLU C 81 -2.39 -26.24 -1.79
C GLU C 81 -3.08 -27.05 -0.68
N ILE C 82 -2.28 -27.72 0.15
CA ILE C 82 -2.79 -28.37 1.35
C ILE C 82 -2.71 -27.35 2.47
N GLN C 83 -3.87 -26.98 3.00
CA GLN C 83 -3.93 -25.98 4.05
C GLN C 83 -3.20 -26.42 5.33
N ILE C 84 -2.49 -25.49 5.96
CA ILE C 84 -2.09 -25.64 7.36
C ILE C 84 -2.66 -24.42 8.05
N ALA C 85 -3.61 -24.62 8.97
CA ALA C 85 -4.29 -23.50 9.61
C ALA C 85 -4.51 -23.76 11.08
N ASP C 86 -4.50 -22.67 11.86
CA ASP C 86 -4.92 -22.73 13.23
C ASP C 86 -6.44 -22.75 13.32
N ASP C 87 -6.98 -23.96 13.27
CA ASP C 87 -8.42 -24.16 13.36
C ASP C 87 -9.02 -23.65 14.67
N HIS C 88 -8.21 -23.50 15.72
CA HIS C 88 -8.74 -23.16 17.04
C HIS C 88 -9.03 -21.68 17.27
N CYS C 89 -8.69 -20.82 16.31
CA CYS C 89 -8.94 -19.41 16.44
C CYS C 89 -10.19 -18.98 15.66
N GLU C 90 -10.91 -17.98 16.17
CA GLU C 90 -12.18 -17.54 15.59
C GLU C 90 -12.14 -17.19 14.08
N LYS C 91 -11.02 -16.65 13.57
CA LYS C 91 -10.93 -16.33 12.12
C LYS C 91 -11.01 -17.58 11.24
N TRP C 92 -10.34 -18.67 11.62
CA TRP C 92 -10.32 -19.90 10.83
C TRP C 92 -11.27 -21.00 11.35
N GLY C 93 -11.70 -20.89 12.61
CA GLY C 93 -12.74 -21.76 13.19
C GLY C 93 -14.10 -21.58 12.52
N ASN C 94 -14.56 -20.33 12.43
CA ASN C 94 -15.59 -19.97 11.44
C ASN C 94 -14.79 -19.90 10.16
N GLY C 95 -15.46 -19.98 9.03
CA GLY C 95 -14.73 -20.05 7.75
C GLY C 95 -15.06 -21.35 7.08
N LYS C 96 -14.73 -21.46 5.79
CA LYS C 96 -15.14 -22.61 5.03
C LYS C 96 -14.33 -23.86 5.37
N PRO C 97 -14.96 -25.05 5.26
CA PRO C 97 -14.28 -26.35 5.35
C PRO C 97 -12.96 -26.40 4.60
N TYR C 98 -12.94 -25.90 3.37
CA TYR C 98 -11.73 -25.93 2.54
C TYR C 98 -10.57 -24.97 2.96
N GLU C 99 -10.79 -24.18 4.02
CA GLU C 99 -9.78 -23.30 4.60
C GLU C 99 -9.13 -23.86 5.85
N LYS C 100 -9.62 -24.98 6.34
CA LYS C 100 -9.12 -25.50 7.59
C LYS C 100 -7.95 -26.46 7.40
N CYS C 101 -7.34 -26.85 8.49
CA CYS C 101 -6.13 -27.62 8.42
C CYS C 101 -6.39 -28.96 7.73
N GLY C 102 -5.55 -29.29 6.75
CA GLY C 102 -5.66 -30.57 6.07
C GLY C 102 -6.48 -30.53 4.81
N ALA C 103 -7.20 -29.43 4.61
CA ALA C 103 -8.06 -29.23 3.44
C ALA C 103 -7.23 -29.07 2.17
N ILE C 104 -7.81 -29.36 1.01
CA ILE C 104 -7.22 -28.92 -0.25
C ILE C 104 -7.84 -27.56 -0.52
N TYR C 105 -7.06 -26.48 -0.37
CA TYR C 105 -7.66 -25.14 -0.40
C TYR C 105 -8.55 -24.91 -1.62
N GLY C 106 -9.75 -24.44 -1.34
CA GLY C 106 -10.72 -24.06 -2.35
C GLY C 106 -11.42 -25.18 -3.04
N HIS C 107 -11.12 -26.43 -2.66
CA HIS C 107 -11.57 -27.59 -3.43
C HIS C 107 -12.15 -28.71 -2.60
N LEU C 108 -11.52 -28.99 -1.46
CA LEU C 108 -12.03 -30.07 -0.62
C LEU C 108 -11.74 -29.86 0.86
N GLY C 109 -12.80 -29.80 1.65
CA GLY C 109 -12.69 -29.66 3.07
C GLY C 109 -12.22 -30.94 3.68
N ALA C 110 -11.59 -30.82 4.85
CA ALA C 110 -11.17 -31.95 5.65
C ALA C 110 -12.43 -32.55 6.27
N VAL C 111 -12.40 -33.84 6.61
CA VAL C 111 -13.59 -34.49 7.16
C VAL C 111 -14.08 -33.82 8.44
N GLN C 112 -13.16 -33.21 9.17
CA GLN C 112 -13.40 -32.73 10.52
C GLN C 112 -12.37 -31.63 10.79
N ASP C 113 -12.78 -30.52 11.38
CA ASP C 113 -11.80 -29.49 11.74
C ASP C 113 -11.31 -29.80 13.16
N LYS C 114 -10.35 -29.01 13.64
CA LYS C 114 -9.71 -29.17 14.94
C LYS C 114 -9.01 -30.53 15.16
N VAL C 115 -8.56 -31.16 14.08
CA VAL C 115 -7.64 -32.31 14.18
C VAL C 115 -6.23 -31.81 14.48
N VAL C 116 -5.88 -30.68 13.87
CA VAL C 116 -4.67 -29.96 14.26
C VAL C 116 -4.80 -29.59 15.74
N LYS C 117 -3.67 -29.56 16.42
CA LYS C 117 -3.64 -29.27 17.84
C LYS C 117 -3.54 -27.77 18.00
N LYS C 118 -3.65 -27.30 19.23
CA LYS C 118 -3.71 -25.87 19.48
C LYS C 118 -2.31 -25.27 19.19
N PRO C 119 -2.27 -23.97 18.88
CA PRO C 119 -1.00 -23.30 18.68
C PRO C 119 0.03 -23.69 19.73
N GLY C 120 1.26 -23.93 19.29
CA GLY C 120 2.36 -24.24 20.22
C GLY C 120 2.67 -25.71 20.41
N GLU C 121 1.77 -26.58 19.94
CA GLU C 121 1.94 -28.02 19.97
C GLU C 121 2.42 -28.51 18.62
N TRP C 122 3.27 -29.52 18.61
CA TRP C 122 3.70 -30.18 17.35
C TRP C 122 2.60 -31.11 16.82
N ASN C 123 2.52 -31.11 15.49
CA ASN C 123 1.56 -31.85 14.70
C ASN C 123 2.34 -32.73 13.78
N HIS C 124 1.76 -33.86 13.40
N HIS C 124 1.75 -33.87 13.41
CA HIS C 124 2.34 -34.64 12.35
CA HIS C 124 2.31 -34.78 12.41
C HIS C 124 1.46 -34.62 11.14
C HIS C 124 1.45 -34.67 11.15
N MSE C 125 2.06 -34.58 9.97
CA MSE C 125 1.31 -34.67 8.72
C MSE C 125 2.02 -35.50 7.69
O MSE C 125 3.22 -35.32 7.45
CB MSE C 125 1.02 -33.27 8.14
CG MSE C 125 0.13 -33.30 6.87
SE MSE C 125 -0.18 -31.46 6.12
CE MSE C 125 -1.77 -31.10 7.10
N ARG C 126 1.27 -36.38 7.06
CA ARG C 126 1.76 -37.15 5.92
C ARG C 126 0.87 -36.81 4.76
N ILE C 127 1.47 -36.60 3.59
CA ILE C 127 0.74 -36.25 2.38
C ILE C 127 1.25 -37.21 1.30
N LYS C 128 0.33 -38.04 0.79
CA LYS C 128 0.62 -38.93 -0.34
C LYS C 128 0.11 -38.32 -1.63
N CYS C 129 0.99 -38.24 -2.60
CA CYS C 129 0.65 -37.63 -3.88
C CYS C 129 1.05 -38.59 -4.99
N ALA C 130 0.07 -39.31 -5.52
CA ALA C 130 0.33 -40.32 -6.57
C ALA C 130 -0.58 -39.95 -7.71
N GLY C 131 -0.05 -39.19 -8.66
CA GLY C 131 -0.86 -38.64 -9.74
C GLY C 131 -2.00 -37.77 -9.20
N GLN C 132 -3.19 -38.09 -9.68
CA GLN C 132 -4.44 -37.41 -9.33
C GLN C 132 -4.97 -37.72 -7.90
N HIS C 133 -4.30 -38.65 -7.23
CA HIS C 133 -4.68 -39.06 -5.91
C HIS C 133 -3.81 -38.39 -4.86
N ILE C 134 -4.45 -37.63 -3.99
CA ILE C 134 -3.79 -36.98 -2.88
C ILE C 134 -4.49 -37.40 -1.60
N MSE C 135 -3.71 -37.84 -0.61
N MSE C 135 -3.71 -37.80 -0.62
CA MSE C 135 -4.21 -38.19 0.72
CA MSE C 135 -4.23 -38.13 0.70
C MSE C 135 -3.51 -37.33 1.76
C MSE C 135 -3.51 -37.32 1.77
O MSE C 135 -2.30 -37.16 1.71
O MSE C 135 -2.30 -37.17 1.70
CB MSE C 135 -3.97 -39.67 1.00
CB MSE C 135 -4.05 -39.61 0.96
CG MSE C 135 -4.19 -40.10 2.45
CG MSE C 135 -4.37 -39.99 2.39
SE MSE C 135 -6.06 -40.25 3.00
SE MSE C 135 -4.67 -41.87 2.53
CE MSE C 135 -6.53 -41.78 1.92
CE MSE C 135 -6.60 -41.86 2.66
N VAL C 136 -4.26 -36.81 2.74
CA VAL C 136 -3.65 -36.05 3.85
C VAL C 136 -3.95 -36.78 5.14
N ILE C 137 -2.90 -37.14 5.86
CA ILE C 137 -3.02 -37.73 7.19
C ILE C 137 -2.45 -36.77 8.21
N LEU C 138 -3.33 -36.30 9.09
CA LEU C 138 -3.05 -35.25 10.03
C LEU C 138 -3.23 -35.84 11.42
N ASN C 139 -2.15 -35.86 12.17
CA ASN C 139 -2.10 -36.44 13.50
C ASN C 139 -2.67 -37.83 13.50
N GLY C 140 -2.35 -38.56 12.43
CA GLY C 140 -2.66 -39.97 12.27
C GLY C 140 -4.02 -40.26 11.67
N LYS C 141 -4.80 -39.20 11.45
CA LYS C 141 -6.17 -39.32 10.98
C LYS C 141 -6.27 -38.95 9.51
N LYS C 142 -6.90 -39.81 8.73
CA LYS C 142 -7.09 -39.52 7.32
C LYS C 142 -8.17 -38.43 7.26
N VAL C 143 -7.76 -37.21 6.97
CA VAL C 143 -8.70 -36.06 6.98
C VAL C 143 -9.18 -35.65 5.57
N THR C 144 -8.39 -35.89 4.54
CA THR C 144 -8.68 -35.42 3.19
C THR C 144 -8.15 -36.41 2.13
N GLU C 145 -9.02 -36.82 1.21
CA GLU C 145 -8.65 -37.72 0.15
C GLU C 145 -9.32 -37.24 -1.14
N MSE C 146 -8.51 -36.76 -2.09
CA MSE C 146 -9.00 -36.18 -3.35
C MSE C 146 -8.64 -37.03 -4.54
O MSE C 146 -7.51 -37.40 -4.70
CB MSE C 146 -8.35 -34.81 -3.56
CG MSE C 146 -8.63 -34.18 -4.94
SE MSE C 146 -8.09 -32.30 -5.08
CE MSE C 146 -9.32 -31.66 -3.80
N ASP C 147 -9.61 -37.31 -5.39
CA ASP C 147 -9.34 -37.88 -6.69
C ASP C 147 -9.58 -36.73 -7.63
N MSE C 148 -8.50 -36.14 -8.13
CA MSE C 148 -8.55 -34.90 -8.92
C MSE C 148 -9.36 -35.03 -10.20
O MSE C 148 -9.85 -34.03 -10.70
CB MSE C 148 -7.14 -34.43 -9.25
CG MSE C 148 -6.43 -33.85 -8.04
SE MSE C 148 -4.55 -33.57 -8.32
CE MSE C 148 -4.73 -31.94 -9.43
N SER C 149 -9.49 -36.25 -10.71
CA SER C 149 -10.30 -36.52 -11.88
C SER C 149 -11.78 -36.16 -11.67
N LYS C 150 -12.25 -36.17 -10.42
CA LYS C 150 -13.62 -35.81 -10.14
C LYS C 150 -13.86 -34.30 -10.29
N TRP C 151 -12.78 -33.50 -10.30
CA TRP C 151 -12.88 -32.03 -10.42
C TRP C 151 -12.91 -31.56 -11.89
N THR C 152 -14.00 -31.88 -12.55
CA THR C 152 -14.19 -31.57 -13.95
C THR C 152 -14.63 -30.15 -14.15
N SER C 153 -15.11 -29.53 -13.07
CA SER C 153 -15.41 -28.11 -13.08
C SER C 153 -14.32 -27.31 -12.36
N GLY C 154 -13.93 -26.18 -12.95
CA GLY C 154 -13.08 -25.19 -12.29
C GLY C 154 -13.85 -24.15 -11.51
N THR C 155 -15.19 -24.23 -11.53
CA THR C 155 -16.04 -23.24 -10.84
C THR C 155 -16.87 -23.85 -9.72
N LYS C 156 -17.12 -25.16 -9.80
CA LYS C 156 -17.87 -25.90 -8.78
C LYS C 156 -17.12 -27.14 -8.39
N ASN C 157 -17.09 -27.41 -7.09
CA ASN C 157 -16.47 -28.62 -6.58
C ASN C 157 -17.47 -29.74 -6.85
N PRO C 158 -17.01 -31.00 -6.77
CA PRO C 158 -17.94 -32.14 -6.88
C PRO C 158 -19.12 -32.08 -5.92
N ASP C 159 -18.87 -31.69 -4.67
CA ASP C 159 -19.98 -31.49 -3.71
C ASP C 159 -20.87 -30.30 -4.04
N GLY C 160 -20.60 -29.58 -5.14
CA GLY C 160 -21.48 -28.47 -5.57
C GLY C 160 -21.15 -27.09 -5.01
N SER C 161 -20.14 -27.02 -4.14
CA SER C 161 -19.75 -25.74 -3.57
C SER C 161 -18.85 -24.97 -4.55
N ASP C 162 -18.91 -23.65 -4.45
CA ASP C 162 -18.14 -22.75 -5.31
C ASP C 162 -16.64 -22.86 -5.07
N ILE C 163 -15.89 -22.90 -6.16
CA ILE C 163 -14.45 -22.78 -6.12
C ILE C 163 -14.16 -21.28 -6.17
N PRO C 164 -13.15 -20.83 -5.39
CA PRO C 164 -12.74 -19.41 -5.45
C PRO C 164 -12.52 -18.94 -6.88
N SER C 165 -12.94 -17.72 -7.19
CA SER C 165 -12.94 -17.24 -8.59
C SER C 165 -11.56 -17.09 -9.25
N TRP C 166 -10.53 -17.01 -8.42
CA TRP C 166 -9.16 -16.84 -8.92
C TRP C 166 -8.51 -18.20 -9.19
N LEU C 167 -9.26 -19.28 -8.95
CA LEU C 167 -8.85 -20.67 -9.19
C LEU C 167 -9.71 -21.42 -10.22
N PRO C 168 -9.83 -20.88 -11.46
CA PRO C 168 -10.74 -21.43 -12.46
C PRO C 168 -10.27 -22.65 -13.29
N LYS C 169 -9.04 -23.11 -13.11
CA LYS C 169 -8.57 -24.27 -13.83
C LYS C 169 -9.14 -25.56 -13.20
N PRO C 170 -9.84 -26.38 -14.00
CA PRO C 170 -10.30 -27.66 -13.46
C PRO C 170 -9.16 -28.53 -12.95
N PHE C 171 -9.27 -28.98 -11.71
CA PHE C 171 -8.27 -29.86 -11.13
C PHE C 171 -8.10 -31.20 -11.84
N ALA C 172 -9.12 -31.61 -12.59
CA ALA C 172 -9.04 -32.84 -13.39
C ALA C 172 -8.02 -32.68 -14.52
N GLU C 173 -7.69 -31.43 -14.86
CA GLU C 173 -6.78 -31.13 -15.95
C GLU C 173 -5.42 -30.61 -15.49
N LEU C 174 -5.23 -30.47 -14.18
CA LEU C 174 -4.01 -29.93 -13.62
C LEU C 174 -2.87 -30.96 -13.71
N PRO C 175 -1.67 -30.54 -14.12
CA PRO C 175 -0.52 -31.43 -14.00
C PRO C 175 -0.32 -31.94 -12.57
N THR C 176 0.27 -33.14 -12.48
CA THR C 176 0.47 -33.83 -11.22
C THR C 176 1.98 -34.08 -10.98
N LYS C 177 2.79 -33.09 -11.38
CA LYS C 177 4.21 -33.06 -11.07
C LYS C 177 4.63 -31.62 -10.95
N GLY C 178 5.59 -31.34 -10.09
CA GLY C 178 6.09 -30.01 -9.95
C GLY C 178 6.89 -29.81 -8.70
N PHE C 179 7.16 -28.56 -8.41
CA PHE C 179 7.85 -28.17 -7.20
C PHE C 179 6.94 -28.30 -5.98
N ILE C 180 7.59 -28.38 -4.82
CA ILE C 180 6.90 -28.45 -3.52
C ILE C 180 7.35 -27.21 -2.77
N GLY C 181 6.41 -26.58 -2.09
CA GLY C 181 6.72 -25.43 -1.29
C GLY C 181 6.05 -25.42 0.08
N LEU C 182 6.63 -24.65 0.99
CA LEU C 182 6.03 -24.34 2.28
C LEU C 182 5.82 -22.84 2.32
N GLN C 183 4.65 -22.45 2.78
CA GLN C 183 4.29 -21.05 2.91
C GLN C 183 4.79 -20.46 4.23
N GLY C 184 5.02 -19.16 4.22
CA GLY C 184 5.59 -18.49 5.37
C GLY C 184 4.59 -17.83 6.31
N LYS C 185 5.06 -16.75 6.91
CA LYS C 185 4.24 -15.93 7.79
C LYS C 185 2.99 -15.45 7.03
N HIS C 186 1.86 -15.49 7.72
CA HIS C 186 0.62 -14.92 7.18
C HIS C 186 0.09 -13.93 8.18
N GLY C 187 0.19 -12.64 7.87
CA GLY C 187 -0.11 -11.62 8.84
C GLY C 187 0.90 -11.64 9.97
N ASP C 188 0.42 -11.72 11.22
CA ASP C 188 1.28 -11.80 12.42
C ASP C 188 1.50 -13.25 12.85
N SER C 189 0.94 -14.20 12.11
CA SER C 189 0.93 -15.60 12.54
C SER C 189 2.09 -16.37 11.93
N LEU C 190 2.98 -16.82 12.83
CA LEU C 190 4.16 -17.62 12.48
C LEU C 190 3.87 -19.13 12.22
N ILE C 191 4.91 -19.86 11.83
CA ILE C 191 4.80 -21.26 11.42
C ILE C 191 6.20 -21.89 11.59
N TRP C 192 6.24 -23.09 12.15
CA TRP C 192 7.48 -23.86 12.31
C TRP C 192 7.29 -25.28 11.78
N PHE C 193 8.34 -25.81 11.18
CA PHE C 193 8.40 -27.18 10.67
C PHE C 193 9.62 -27.90 11.24
N ARG C 194 9.58 -29.22 11.26
CA ARG C 194 10.80 -30.03 11.49
C ARG C 194 10.61 -31.38 10.86
N ASN C 195 11.69 -32.14 10.70
CA ASN C 195 11.63 -33.54 10.26
C ASN C 195 10.93 -33.66 8.90
N ILE C 196 11.20 -32.68 8.03
CA ILE C 196 10.52 -32.60 6.71
C ILE C 196 11.25 -33.53 5.82
N LYS C 197 10.54 -34.50 5.27
CA LYS C 197 11.17 -35.57 4.50
C LYS C 197 10.24 -36.13 3.42
N ILE C 198 10.86 -36.74 2.41
CA ILE C 198 10.15 -37.18 1.23
C ILE C 198 10.72 -38.53 0.75
N ARG C 199 9.89 -39.34 0.09
CA ARG C 199 10.31 -40.52 -0.65
C ARG C 199 9.31 -40.83 -1.72
N SER C 200 9.72 -41.57 -2.73
CA SER C 200 8.82 -42.02 -3.78
C SER C 200 7.91 -43.10 -3.25
N LEU C 201 6.73 -43.16 -3.86
CA LEU C 201 5.75 -44.20 -3.66
C LEU C 201 6.15 -45.38 -4.52
NA NA D . 2.52 31.37 8.54
CL CL E . 5.07 8.74 4.39
NA NA F . -1.82 6.79 -7.77
NA NA G . -2.77 -21.57 3.11
C TRS H . -4.46 -18.78 -1.27
C1 TRS H . -4.41 -19.25 -2.72
C2 TRS H . -5.10 -17.38 -1.14
C3 TRS H . -3.01 -18.76 -0.80
N TRS H . -5.16 -19.73 -0.42
O1 TRS H . -5.68 -19.67 -3.16
O2 TRS H . -4.39 -16.42 -1.93
O3 TRS H . -2.91 -18.28 0.51
#